data_2V89
#
_entry.id   2V89
#
_cell.length_a   75.978
_cell.length_b   46.807
_cell.length_c   56.808
_cell.angle_alpha   90.00
_cell.angle_beta   106.78
_cell.angle_gamma   90.00
#
_symmetry.space_group_name_H-M   'C 1 2 1'
#
loop_
_entity.id
_entity.type
_entity.pdbx_description
1 polymer 'VDJ RECOMBINATION-ACTIVATING PROTEIN 2'
2 polymer 'HISTONE H3'
3 non-polymer 'ZINC ION'
4 water water
#
loop_
_entity_poly.entity_id
_entity_poly.type
_entity_poly.pdbx_seq_one_letter_code
_entity_poly.pdbx_strand_id
1 'polypeptide(L)'
;GPLGSPEFGYWITCCPTCDVDINTWVPFYSTELNKPAMIYCSHGDGHWVHAQCMDLEERTLIHLSEGSNKYYCNEHVQIA
RA
;
A,B
2 'polypeptide(L)' ART(M3L)QTAAKA D,E
#
loop_
_chem_comp.id
_chem_comp.type
_chem_comp.name
_chem_comp.formula
ZN non-polymer 'ZINC ION' 'Zn 2'
#
# COMPACT_ATOMS: atom_id res chain seq x y z
N SER A 5 11.20 -2.60 0.53
N SER A 5 11.24 1.56 -2.88
CA SER A 5 11.69 -1.26 0.75
CA SER A 5 10.03 0.80 -3.34
C SER A 5 10.71 -0.44 1.57
C SER A 5 8.75 1.24 -2.64
N PRO A 6 11.26 0.42 2.41
N PRO A 6 7.60 1.00 -3.25
CA PRO A 6 10.44 1.33 3.22
CA PRO A 6 6.21 1.38 -2.83
C PRO A 6 9.71 2.35 2.36
C PRO A 6 5.87 1.28 -1.39
N GLU A 7 10.08 2.48 1.08
N GLU A 7 6.22 0.14 -0.92
CA GLU A 7 9.52 3.57 0.30
CA GLU A 7 7.13 -0.25 0.05
C GLU A 7 8.04 3.32 0.04
C GLU A 7 7.79 0.93 0.81
N PHE A 8 7.56 2.09 0.12
N PHE A 8 8.74 0.53 1.68
CA PHE A 8 6.16 1.75 -0.01
CA PHE A 8 9.28 1.52 2.62
C PHE A 8 5.36 1.97 1.28
C PHE A 8 8.15 1.75 3.63
N GLY A 9 6.02 2.32 2.38
N GLY A 9 7.08 2.42 3.32
CA GLY A 9 5.31 2.79 3.52
CA GLY A 9 5.95 2.82 4.08
C GLY A 9 4.91 1.83 4.60
C GLY A 9 5.38 1.80 5.05
N TYR A 10 5.23 0.56 4.51
CA TYR A 10 4.83 -0.47 5.47
C TYR A 10 6.02 -0.85 6.33
N TRP A 11 7.16 -1.13 5.68
CA TRP A 11 8.31 -1.64 6.44
C TRP A 11 9.19 -0.44 6.82
N ILE A 12 8.66 0.30 7.81
CA ILE A 12 9.23 1.44 8.42
C ILE A 12 9.28 1.22 9.93
N THR A 13 10.05 2.00 10.62
CA THR A 13 9.98 2.13 12.09
C THR A 13 8.96 3.19 12.42
N CYS A 14 7.79 2.82 12.91
CA CYS A 14 6.69 3.78 12.91
C CYS A 14 6.63 4.70 14.10
N CYS A 15 7.29 4.36 15.19
CA CYS A 15 7.30 5.06 16.47
C CYS A 15 8.48 4.54 17.29
N PRO A 16 8.83 5.23 18.35
CA PRO A 16 10.04 4.80 19.10
C PRO A 16 9.94 3.41 19.70
N THR A 17 8.77 2.81 19.88
CA THR A 17 8.67 1.43 20.38
C THR A 17 8.28 0.43 19.30
N CYS A 18 8.31 0.79 18.04
CA CYS A 18 7.84 -0.06 16.93
C CYS A 18 8.61 -1.38 16.91
N ASP A 19 7.91 -2.46 16.85
CA ASP A 19 8.39 -3.83 16.84
C ASP A 19 8.33 -4.50 15.50
N VAL A 20 7.85 -3.80 14.49
CA VAL A 20 7.60 -4.47 13.21
C VAL A 20 8.82 -4.50 12.34
N ASP A 21 9.16 -5.67 11.88
CA ASP A 21 10.29 -5.92 10.96
C ASP A 21 9.87 -6.94 9.94
N ILE A 22 10.18 -6.70 8.69
CA ILE A 22 9.77 -7.63 7.67
C ILE A 22 10.38 -9.00 8.00
N ASN A 23 11.48 -9.16 8.67
CA ASN A 23 12.08 -10.52 8.88
C ASN A 23 11.31 -11.26 9.98
N THR A 24 10.53 -10.62 10.83
CA THR A 24 9.88 -11.34 11.94
C THR A 24 8.38 -11.12 12.01
N TRP A 25 7.80 -10.28 11.17
CA TRP A 25 6.37 -10.00 11.28
C TRP A 25 5.55 -11.21 10.92
N VAL A 26 4.44 -11.37 11.60
CA VAL A 26 3.43 -12.36 11.31
C VAL A 26 2.05 -11.69 11.31
N PRO A 27 1.09 -12.23 10.57
CA PRO A 27 -0.28 -11.71 10.63
C PRO A 27 -0.84 -11.77 12.06
N PHE A 28 -1.61 -10.75 12.38
CA PHE A 28 -2.25 -10.61 13.69
C PHE A 28 -3.70 -10.29 13.59
N TYR A 29 -4.06 -9.33 12.72
CA TYR A 29 -5.45 -8.99 12.46
C TYR A 29 -6.03 -9.88 11.40
N SER A 30 -7.34 -10.10 11.42
CA SER A 30 -8.00 -10.97 10.48
C SER A 30 -7.94 -10.45 9.03
N THR A 31 -7.69 -9.17 8.84
CA THR A 31 -7.65 -8.57 7.51
C THR A 31 -6.27 -8.56 6.91
N GLU A 32 -5.24 -8.95 7.67
CA GLU A 32 -3.88 -8.93 7.13
C GLU A 32 -3.56 -10.20 6.35
N LEU A 33 -2.75 -9.99 5.31
CA LEU A 33 -2.19 -11.03 4.48
C LEU A 33 -0.69 -11.03 4.59
N ASN A 34 0.02 -10.17 3.85
CA ASN A 34 1.48 -10.11 3.92
C ASN A 34 2.02 -8.74 4.32
N LYS A 35 1.15 -7.84 4.75
CA LYS A 35 1.54 -6.49 5.18
C LYS A 35 0.82 -6.09 6.45
N PRO A 36 1.51 -5.34 7.33
CA PRO A 36 0.84 -4.94 8.57
C PRO A 36 -0.22 -3.86 8.33
N ALA A 37 -1.31 -4.02 9.07
CA ALA A 37 -2.34 -2.98 9.05
C ALA A 37 -1.82 -1.70 9.66
N MET A 38 -2.24 -0.57 9.07
CA MET A 38 -1.76 0.74 9.49
C MET A 38 -2.92 1.73 9.57
N ILE A 39 -2.66 2.76 10.36
CA ILE A 39 -3.63 3.84 10.56
C ILE A 39 -2.89 5.17 10.45
N TYR A 40 -3.64 6.15 9.90
CA TYR A 40 -3.07 7.49 9.67
C TYR A 40 -3.29 8.41 10.85
N CYS A 41 -2.22 9.01 11.33
CA CYS A 41 -2.25 10.03 12.39
C CYS A 41 -2.18 11.40 11.74
N SER A 42 -3.09 12.26 12.20
CA SER A 42 -3.23 13.61 11.66
C SER A 42 -2.31 14.65 12.29
N HIS A 43 -1.43 14.28 13.18
CA HIS A 43 -0.50 15.24 13.77
C HIS A 43 0.42 15.85 12.77
N GLY A 44 0.55 17.16 12.78
CA GLY A 44 1.56 17.84 11.96
C GLY A 44 1.30 17.66 10.50
N ASP A 45 2.33 17.22 9.78
CA ASP A 45 2.18 16.90 8.37
C ASP A 45 1.63 15.52 8.11
N GLY A 46 1.37 14.78 9.20
CA GLY A 46 0.76 13.46 9.17
C GLY A 46 1.83 12.39 9.14
N HIS A 47 1.42 11.19 9.56
CA HIS A 47 2.27 10.00 9.41
C HIS A 47 1.43 8.77 9.63
N TRP A 48 1.96 7.62 9.22
CA TRP A 48 1.29 6.33 9.37
C TRP A 48 1.94 5.49 10.45
N VAL A 49 1.12 4.82 11.26
CA VAL A 49 1.61 3.93 12.29
C VAL A 49 0.99 2.55 12.10
N HIS A 50 1.77 1.55 12.53
CA HIS A 50 1.23 0.19 12.55
C HIS A 50 0.17 0.11 13.64
N ALA A 51 -0.99 -0.45 13.34
CA ALA A 51 -2.06 -0.58 14.34
C ALA A 51 -1.62 -1.38 15.56
N GLN A 52 -0.83 -2.43 15.36
CA GLN A 52 -0.43 -3.25 16.45
C GLN A 52 0.55 -2.46 17.36
N CYS A 53 1.34 -1.55 16.82
CA CYS A 53 2.26 -0.74 17.59
C CYS A 53 1.51 0.24 18.48
N MET A 54 0.27 0.57 18.10
CA MET A 54 -0.60 1.42 18.92
C MET A 54 -1.44 0.62 19.90
N ASP A 55 -1.23 -0.68 19.91
CA ASP A 55 -1.97 -1.54 20.82
C ASP A 55 -3.48 -1.52 20.51
N LEU A 56 -3.88 -1.33 19.25
CA LEU A 56 -5.28 -1.31 18.91
C LEU A 56 -5.81 -2.70 18.81
N GLU A 57 -6.89 -3.05 19.54
CA GLU A 57 -7.66 -4.25 19.35
C GLU A 57 -8.31 -4.28 17.96
N GLU A 58 -8.52 -5.47 17.41
CA GLU A 58 -9.15 -5.51 16.08
C GLU A 58 -10.45 -4.73 16.02
N ARG A 59 -11.34 -4.90 17.00
CA ARG A 59 -12.62 -4.21 16.92
C ARG A 59 -12.46 -2.70 16.86
N THR A 60 -11.47 -2.19 17.58
CA THR A 60 -11.22 -0.76 17.62
C THR A 60 -10.69 -0.29 16.31
N LEU A 61 -9.71 -1.04 15.73
CA LEU A 61 -9.13 -0.68 14.42
C LEU A 61 -10.21 -0.65 13.36
N ILE A 62 -11.06 -1.68 13.32
CA ILE A 62 -12.12 -1.75 12.32
C ILE A 62 -13.11 -0.62 12.52
N HIS A 63 -13.47 -0.28 13.76
CA HIS A 63 -14.39 0.81 14.04
C HIS A 63 -13.80 2.10 13.49
N LEU A 64 -12.53 2.37 13.77
CA LEU A 64 -11.85 3.55 13.26
C LEU A 64 -11.90 3.59 11.75
N SER A 65 -11.62 2.49 11.09
CA SER A 65 -11.58 2.40 9.64
C SER A 65 -12.95 2.64 9.04
N GLU A 66 -14.05 2.30 9.70
CA GLU A 66 -15.36 2.43 9.11
C GLU A 66 -15.94 3.81 9.33
N GLY A 67 -15.34 4.59 10.20
CA GLY A 67 -15.83 5.90 10.58
C GLY A 67 -15.11 6.98 9.83
N SER A 68 -15.63 8.17 10.07
CA SER A 68 -15.08 9.34 9.41
C SER A 68 -14.19 10.14 10.36
N ASN A 69 -13.94 9.70 11.61
CA ASN A 69 -13.13 10.51 12.53
C ASN A 69 -11.66 10.54 12.06
N LYS A 70 -10.92 11.63 12.24
CA LYS A 70 -9.48 11.62 12.27
C LYS A 70 -8.99 10.85 13.50
N TYR A 71 -7.73 10.44 13.42
CA TYR A 71 -7.03 9.72 14.46
C TYR A 71 -5.72 10.43 14.80
N TYR A 72 -5.41 10.48 16.08
CA TYR A 72 -4.12 10.89 16.60
C TYR A 72 -3.51 9.72 17.39
N CYS A 73 -2.26 9.41 17.05
CA CYS A 73 -1.58 8.28 17.68
C CYS A 73 -1.20 8.53 19.12
N ASN A 74 -0.70 7.45 19.74
CA ASN A 74 -0.33 7.52 21.15
C ASN A 74 0.74 8.52 21.49
N GLU A 75 1.65 8.82 20.62
CA GLU A 75 2.70 9.80 20.80
C GLU A 75 2.14 11.23 20.68
N HIS A 76 1.09 11.47 19.92
CA HIS A 76 0.72 12.84 19.56
C HIS A 76 -0.62 13.29 20.11
N VAL A 77 -1.49 12.37 20.55
CA VAL A 77 -2.86 12.77 20.93
C VAL A 77 -2.86 13.70 22.11
N GLN A 78 -1.87 13.66 23.00
CA GLN A 78 -1.88 14.57 24.15
C GLN A 78 -1.28 15.93 23.89
N ILE A 79 -0.86 16.23 22.66
CA ILE A 79 -0.29 17.53 22.37
C ILE A 79 -1.41 18.50 22.04
N ALA A 80 -1.48 19.63 22.72
CA ALA A 80 -2.52 20.62 22.50
C ALA A 80 -2.57 21.04 21.03
N ARG A 81 -3.80 21.18 20.49
CA ARG A 81 -3.94 21.60 19.10
C ARG A 81 -4.58 22.97 18.93
N ALA A 82 -3.75 23.90 18.51
CA ALA A 82 -4.06 25.21 18.02
C ALA A 82 -5.00 25.17 16.81
N GLY B 9 -11.20 1.08 -15.73
CA GLY B 9 -10.13 0.20 -15.42
C GLY B 9 -9.12 0.64 -14.44
N TYR B 10 -9.01 1.97 -14.10
CA TYR B 10 -7.98 2.31 -13.15
C TYR B 10 -8.33 2.10 -11.71
N TRP B 11 -9.59 2.09 -11.40
CA TRP B 11 -10.10 2.10 -10.02
C TRP B 11 -10.63 0.77 -9.55
N ILE B 12 -10.09 -0.30 -10.08
CA ILE B 12 -10.34 -1.64 -9.67
C ILE B 12 -9.65 -1.99 -8.36
N THR B 13 -10.08 -3.04 -7.69
CA THR B 13 -9.31 -3.67 -6.61
C THR B 13 -8.44 -4.69 -7.30
N CYS B 14 -7.14 -4.44 -7.39
CA CYS B 14 -6.33 -5.19 -8.33
C CYS B 14 -5.84 -6.52 -7.81
N CYS B 15 -5.87 -6.70 -6.50
CA CYS B 15 -5.32 -7.86 -5.81
C CYS B 15 -5.86 -7.83 -4.38
N PRO B 16 -5.70 -8.89 -3.58
CA PRO B 16 -6.26 -8.88 -2.24
C PRO B 16 -5.68 -7.85 -1.29
N THR B 17 -4.54 -7.26 -1.53
CA THR B 17 -3.95 -6.28 -0.64
C THR B 17 -3.98 -4.90 -1.28
N CYS B 18 -4.69 -4.66 -2.36
CA CYS B 18 -4.69 -3.45 -3.17
C CYS B 18 -4.94 -2.23 -2.30
N ASP B 19 -4.08 -1.24 -2.41
CA ASP B 19 -4.24 -0.01 -1.66
C ASP B 19 -4.69 1.18 -2.45
N VAL B 20 -4.90 0.99 -3.74
CA VAL B 20 -5.35 2.11 -4.59
C VAL B 20 -6.82 2.24 -4.40
N ASP B 21 -7.25 3.48 -4.11
CA ASP B 21 -8.64 3.80 -3.81
C ASP B 21 -8.96 5.15 -4.47
N ILE B 22 -10.04 5.23 -5.23
CA ILE B 22 -10.47 6.46 -5.90
C ILE B 22 -10.68 7.59 -4.89
N ASN B 23 -10.90 7.27 -3.61
CA ASN B 23 -11.10 8.30 -2.63
C ASN B 23 -9.86 8.75 -1.90
N THR B 24 -8.71 8.16 -2.17
CA THR B 24 -7.51 8.50 -1.45
C THR B 24 -6.26 8.56 -2.33
N TRP B 25 -6.24 8.08 -3.56
CA TRP B 25 -5.00 7.94 -4.33
C TRP B 25 -4.28 9.26 -4.56
N VAL B 26 -2.95 9.18 -4.51
CA VAL B 26 -2.06 10.26 -4.87
C VAL B 26 -0.90 9.74 -5.68
N PRO B 27 -0.22 10.57 -6.46
CA PRO B 27 0.91 10.09 -7.24
C PRO B 27 2.07 9.64 -6.36
N PHE B 28 2.75 8.62 -6.86
CA PHE B 28 3.91 8.01 -6.23
C PHE B 28 5.10 7.94 -7.16
N TYR B 29 4.95 7.38 -8.33
CA TYR B 29 5.99 7.32 -9.34
C TYR B 29 6.13 8.67 -10.03
N SER B 30 7.31 8.91 -10.62
CA SER B 30 7.51 10.20 -11.30
C SER B 30 6.72 10.35 -12.55
N THR B 31 6.17 9.29 -13.12
CA THR B 31 5.35 9.33 -14.30
C THR B 31 3.88 9.48 -13.97
N GLU B 32 3.52 9.51 -12.70
CA GLU B 32 2.11 9.66 -12.29
C GLU B 32 1.75 11.11 -12.02
N LEU B 33 0.52 11.47 -12.30
CA LEU B 33 -0.02 12.76 -11.87
C LEU B 33 -1.44 12.57 -11.39
N ASN B 34 -2.37 12.17 -12.31
CA ASN B 34 -3.76 12.01 -11.90
C ASN B 34 -4.32 10.59 -11.96
N LYS B 35 -3.53 9.62 -12.45
CA LYS B 35 -3.96 8.24 -12.51
C LYS B 35 -2.87 7.29 -12.08
N PRO B 36 -3.23 6.17 -11.44
CA PRO B 36 -2.20 5.22 -11.04
C PRO B 36 -1.51 4.46 -12.20
N ALA B 37 -0.25 4.27 -12.04
CA ALA B 37 0.48 3.44 -13.00
C ALA B 37 0.04 2.01 -12.83
N MET B 38 -0.07 1.35 -14.00
CA MET B 38 -0.52 -0.05 -14.03
C MET B 38 0.36 -0.86 -14.92
N ILE B 39 0.35 -2.17 -14.71
CA ILE B 39 1.12 -3.12 -15.50
C ILE B 39 0.27 -4.36 -15.72
N TYR B 40 0.38 -4.96 -16.91
CA TYR B 40 -0.41 -6.12 -17.23
C TYR B 40 0.31 -7.39 -16.77
N CYS B 41 -0.40 -8.22 -16.00
CA CYS B 41 0.03 -9.54 -15.63
C CYS B 41 -0.34 -10.49 -16.76
N SER B 42 0.58 -11.30 -17.24
CA SER B 42 0.32 -12.21 -18.38
C SER B 42 -0.24 -13.55 -17.96
N HIS B 43 -0.64 -13.78 -16.73
CA HIS B 43 -1.22 -15.06 -16.35
C HIS B 43 -2.51 -15.29 -17.09
N GLY B 44 -2.66 -16.41 -17.78
CA GLY B 44 -3.88 -16.68 -18.52
C GLY B 44 -4.04 -15.67 -19.61
N ASP B 45 -5.29 -15.16 -19.80
CA ASP B 45 -5.53 -14.04 -20.74
C ASP B 45 -5.05 -12.71 -20.20
N GLY B 46 -4.74 -12.67 -18.91
CA GLY B 46 -4.07 -11.54 -18.29
C GLY B 46 -4.98 -10.62 -17.54
N HIS B 47 -4.37 -9.75 -16.73
CA HIS B 47 -5.20 -8.78 -16.00
C HIS B 47 -4.28 -7.66 -15.61
N TRP B 48 -4.89 -6.46 -15.46
CA TRP B 48 -4.17 -5.26 -15.05
C TRP B 48 -4.02 -5.17 -13.54
N VAL B 49 -2.82 -4.80 -13.07
CA VAL B 49 -2.62 -4.51 -11.66
C VAL B 49 -1.99 -3.13 -11.50
N HIS B 50 -2.15 -2.56 -10.32
CA HIS B 50 -1.47 -1.32 -10.03
C HIS B 50 -0.02 -1.60 -9.69
N ALA B 51 0.94 -0.90 -10.33
CA ALA B 51 2.34 -1.19 -10.06
C ALA B 51 2.69 -0.99 -8.58
N GLN B 52 2.13 0.02 -7.92
CA GLN B 52 2.49 0.29 -6.54
C GLN B 52 2.07 -0.84 -5.68
N CYS B 53 0.93 -1.48 -5.95
CA CYS B 53 0.38 -2.60 -5.20
C CYS B 53 1.27 -3.85 -5.33
N MET B 54 2.10 -3.90 -6.34
CA MET B 54 3.07 -5.00 -6.56
C MET B 54 4.39 -4.70 -5.89
N ASP B 55 4.59 -3.53 -5.28
CA ASP B 55 5.84 -3.14 -4.64
C ASP B 55 6.94 -3.05 -5.69
N LEU B 56 6.63 -2.66 -6.93
CA LEU B 56 7.56 -2.45 -7.98
C LEU B 56 8.27 -1.10 -7.78
N GLU B 57 9.57 -1.10 -7.67
CA GLU B 57 10.36 0.14 -7.70
C GLU B 57 10.19 0.80 -9.05
N GLU B 58 10.29 2.12 -9.08
CA GLU B 58 10.12 2.85 -10.31
C GLU B 58 11.03 2.35 -11.44
N ARG B 59 12.32 2.12 -11.16
CA ARG B 59 13.17 1.70 -12.27
C ARG B 59 12.72 0.38 -12.83
N THR B 60 12.29 -0.53 -11.99
CA THR B 60 11.82 -1.86 -12.46
C THR B 60 10.61 -1.71 -13.36
N LEU B 61 9.63 -0.88 -12.90
CA LEU B 61 8.45 -0.59 -13.73
C LEU B 61 8.80 0.03 -15.09
N ILE B 62 9.69 1.03 -15.06
CA ILE B 62 10.05 1.64 -16.33
C ILE B 62 10.73 0.66 -17.25
N HIS B 63 11.64 -0.14 -16.68
CA HIS B 63 12.33 -1.15 -17.53
C HIS B 63 11.33 -2.13 -18.14
N LEU B 64 10.38 -2.55 -17.31
CA LEU B 64 9.36 -3.45 -17.83
C LEU B 64 8.63 -2.80 -18.97
N SER B 65 8.29 -1.54 -18.85
CA SER B 65 7.52 -0.76 -19.84
C SER B 65 8.28 -0.58 -21.15
N GLU B 66 9.62 -0.66 -21.10
CA GLU B 66 10.45 -0.37 -22.23
C GLU B 66 10.83 -1.61 -23.02
N GLY B 67 10.40 -2.79 -22.63
CA GLY B 67 10.75 -4.01 -23.31
C GLY B 67 9.55 -4.89 -23.49
N SER B 68 9.89 -6.11 -23.93
CA SER B 68 8.86 -7.07 -24.29
C SER B 68 8.74 -8.22 -23.31
N ASN B 69 9.41 -8.14 -22.17
CA ASN B 69 9.31 -9.19 -21.18
C ASN B 69 7.91 -9.15 -20.59
N LYS B 70 7.42 -10.36 -20.30
CA LYS B 70 6.17 -10.46 -19.60
C LYS B 70 6.31 -10.31 -18.11
N TYR B 71 5.32 -9.70 -17.47
CA TYR B 71 5.29 -9.53 -16.03
C TYR B 71 4.23 -10.45 -15.47
N TYR B 72 4.47 -11.03 -14.30
CA TYR B 72 3.49 -11.83 -13.56
C TYR B 72 3.33 -11.25 -12.15
N CYS B 73 2.11 -10.95 -11.75
CA CYS B 73 1.81 -10.32 -10.48
C CYS B 73 2.18 -11.24 -9.34
N ASN B 74 2.20 -10.67 -8.14
CA ASN B 74 2.66 -11.43 -7.02
C ASN B 74 1.79 -12.63 -6.76
N GLU B 75 0.49 -12.61 -7.08
CA GLU B 75 -0.42 -13.77 -6.87
C GLU B 75 -0.14 -14.88 -7.86
N HIS B 76 0.39 -14.60 -9.04
CA HIS B 76 0.53 -15.59 -10.08
C HIS B 76 1.97 -15.94 -10.42
N VAL B 77 2.94 -15.24 -9.86
CA VAL B 77 4.30 -15.39 -10.31
C VAL B 77 4.85 -16.76 -10.09
N GLN B 78 4.38 -17.45 -9.07
CA GLN B 78 4.92 -18.79 -8.78
C GLN B 78 4.19 -19.90 -9.54
N ILE B 79 3.12 -19.68 -10.24
CA ILE B 79 2.47 -20.74 -10.97
C ILE B 79 3.35 -21.20 -12.11
N ALA B 80 3.53 -22.52 -12.24
CA ALA B 80 4.41 -23.02 -13.30
C ALA B 80 3.94 -22.66 -14.71
N ARG B 81 4.87 -22.36 -15.61
CA ARG B 81 4.53 -22.13 -17.01
C ARG B 81 5.74 -22.53 -17.88
N ALA B 82 6.83 -22.73 -17.29
N ALA C 1 6.54 -5.51 -21.20
CA ALA C 1 5.20 -5.63 -20.61
C ALA C 1 4.35 -4.41 -20.90
N ARG C 2 3.07 -4.63 -21.09
CA ARG C 2 2.14 -3.48 -21.26
C ARG C 2 1.98 -2.75 -19.95
N THR C 3 1.92 -1.41 -20.04
CA THR C 3 1.79 -0.56 -18.90
C THR C 3 0.89 0.63 -19.22
N M3L C 4 0.48 1.32 -18.14
CA M3L C 4 -0.23 2.59 -18.19
CB M3L C 4 -1.67 2.47 -17.71
CG M3L C 4 -2.53 1.50 -18.50
CD M3L C 4 -3.98 1.47 -17.99
CE M3L C 4 -4.81 0.51 -18.77
NZ M3L C 4 -6.20 0.38 -18.34
C M3L C 4 0.47 3.57 -17.27
O M3L C 4 0.93 3.20 -16.18
CM1 M3L C 4 -6.37 -0.27 -17.05
CM2 M3L C 4 -6.90 -0.57 -19.23
CM3 M3L C 4 -6.85 1.67 -18.49
H M3L C 4 0.64 0.99 -17.37
HA M3L C 4 -0.21 2.94 -19.11
HB2 M3L C 4 -1.66 2.18 -16.78
HB3 M3L C 4 -2.08 3.34 -17.75
HG2 M3L C 4 -2.15 0.61 -18.43
HG3 M3L C 4 -2.52 1.76 -19.44
HD2 M3L C 4 -4.00 1.24 -17.06
HD3 M3L C 4 -4.37 2.36 -18.08
HE2 M3L C 4 -4.79 0.76 -19.70
HE3 M3L C 4 -4.39 -0.36 -18.70
HM11 M3L C 4 -5.89 -1.10 -17.04
HM12 M3L C 4 -7.30 -0.45 -16.89
HM13 M3L C 4 -6.03 0.30 -16.35
HM21 M3L C 4 -6.47 -1.43 -19.19
HM22 M3L C 4 -6.88 -0.26 -20.13
HM23 M3L C 4 -7.82 -0.67 -18.95
HM31 M3L C 4 -6.71 2.00 -19.37
HM32 M3L C 4 -6.48 2.28 -17.85
HM33 M3L C 4 -7.80 1.57 -18.33
N GLN C 5 0.52 4.82 -17.67
CA GLN C 5 1.06 5.97 -16.89
C GLN C 5 2.55 5.79 -16.56
N THR C 6 3.31 5.32 -17.55
CA THR C 6 4.75 5.16 -17.45
C THR C 6 5.52 6.05 -18.43
N ALA C 7 4.85 6.94 -19.11
CA ALA C 7 5.56 7.87 -20.01
C ALA C 7 6.01 9.10 -19.27
N ALA C 8 7.15 9.68 -19.53
CA ALA C 8 7.59 10.94 -18.96
C ALA C 8 6.63 12.10 -19.18
N LYS C 9 6.23 12.99 -18.25
CA LYS C 9 5.51 14.21 -18.64
C LYS C 9 6.55 15.26 -19.06
N ALA C 10 6.44 15.81 -20.25
CA ALA C 10 7.31 16.85 -20.79
C ALA C 10 7.39 18.08 -19.91
N ALA D 1 -11.28 7.24 10.00
CA ALA D 1 -9.82 7.38 9.87
C ALA D 1 -9.29 6.54 8.71
N ARG D 2 -8.30 7.11 8.02
CA ARG D 2 -7.68 6.37 6.92
C ARG D 2 -6.84 5.23 7.48
N THR D 3 -7.04 4.05 6.87
CA THR D 3 -6.30 2.84 7.25
C THR D 3 -5.84 2.11 5.99
N M3L D 4 -4.95 1.15 6.21
CA M3L D 4 -4.47 0.23 5.23
CB M3L D 4 -2.98 0.48 4.94
CG M3L D 4 -2.64 1.77 4.36
CD M3L D 4 -1.13 1.94 4.25
CE M3L D 4 -0.78 3.23 3.72
NZ M3L D 4 0.65 3.37 3.43
C M3L D 4 -4.53 -1.19 5.75
O M3L D 4 -4.28 -1.45 6.94
CM1 M3L D 4 1.45 3.57 4.62
CM2 M3L D 4 0.66 4.68 2.71
CM3 M3L D 4 1.24 2.38 2.56
H M3L D 4 -4.63 1.08 7.02
HA M3L D 4 -4.99 0.31 4.41
HB2 M3L D 4 -2.50 0.37 5.77
HB3 M3L D 4 -2.67 -0.21 4.34
HG2 M3L D 4 -3.00 2.48 4.91
HG3 M3L D 4 -3.05 1.85 3.48
HD2 M3L D 4 -0.74 1.82 5.12
HD3 M3L D 4 -0.79 1.24 3.66
HE2 M3L D 4 -1.03 3.91 4.37
HE3 M3L D 4 -1.28 3.39 2.92
HM11 M3L D 4 1.04 4.23 5.17
HM12 M3L D 4 2.33 3.86 4.37
HM13 M3L D 4 1.52 2.75 5.09
HM21 M3L D 4 0.29 5.36 3.28
HM22 M3L D 4 0.14 4.62 1.92
HM23 M3L D 4 1.57 4.93 2.49
HM31 M3L D 4 2.17 2.57 2.42
HM32 M3L D 4 0.78 2.38 1.71
HM33 M3L D 4 1.16 1.51 2.96
N GLN D 5 -4.89 -2.12 4.90
CA GLN D 5 -4.95 -3.57 5.17
C GLN D 5 -6.01 -3.92 6.20
N THR D 6 -7.16 -3.25 6.11
CA THR D 6 -8.29 -3.40 7.06
C THR D 6 -9.56 -3.91 6.40
N ALA D 7 -9.49 -4.36 5.16
CA ALA D 7 -10.70 -4.94 4.53
C ALA D 7 -10.40 -6.26 3.88
N ALA D 8 -11.27 -7.25 3.83
CA ALA D 8 -11.00 -8.39 2.97
C ALA D 8 -11.25 -7.95 1.54
N LYS D 9 -10.40 -8.35 0.62
CA LYS D 9 -10.37 -7.98 -0.80
C LYS D 9 -10.23 -9.21 -1.70
N ALA D 10 -10.61 -9.18 -2.97
CA ALA D 10 -10.31 -10.13 -4.03
C ALA D 10 -10.05 -9.33 -5.33
ZN ZN E . 5.32 0.07 14.12
ZN ZN F . 1.14 10.60 15.46
ZN ZN G . -4.06 -2.18 -6.61
ZN ZN H . -1.65 -11.96 -12.12
#